data_6E7I
#
_entry.id   6E7I
#
_cell.length_a   69.310
_cell.length_b   69.310
_cell.length_c   169.780
_cell.angle_alpha   90.00
_cell.angle_beta   90.00
_cell.angle_gamma   120.00
#
_symmetry.space_group_name_H-M   'P 61'
#
loop_
_entity.id
_entity.type
_entity.pdbx_description
1 polymer 'Polypeptide N-acetylgalactosaminyltransferase 2'
2 polymer EA2
3 non-polymer "URIDINE-5'-DIPHOSPHATE"
4 non-polymer 'MANGANESE (II) ION'
5 water water
#
loop_
_entity_poly.entity_id
_entity_poly.type
_entity_poly.pdbx_seq_one_letter_code
_entity_poly.pdbx_strand_id
1 'polypeptide(L)'
;MGILPSPGMPALLSLVSLLSVLLMGCVAETGKVRWPDFNQEAYVGGTMVRSGQDPYARNKFNQVESDKLRMDRAIPDTRH
DQCQRKQWRVDLPATSVVITFHNEARSALLRTVVSVLKKSPPHLIKEIILVDDYSNDPEDGALLGKIEKVRVLRNDRREG
LMRSRVRGADAAQAKVLTFLDSHCECNEHWLEPLLERVAEDRTRVVSPIADVINMDNFQYVGASADLKGGFDWNLVFKWD
YMTPEQRRSRQGNPVAPIKTPMIAGGAFVMDKFYFEELGKYDMMMDVWGGENLEISFRVWQCGGSLEIIPCSRVGHVFRK
QHPYTFPGGSGTVFARNTRRAAEVWMDEYKNFYYAAVPSARNVPYGNIQSRLELRKKLSCKPFKWYLENVYPELRVPDHQ
DIAFGALQQGTNCLDTLGHFADGVVGVYECHNAGGNQEWALTKEKSVKHMDLCLTVVDRAPGSLIKLQGCRENDSRQKWE
QIEGNSKLRHVGSNLCLDSRTAKSGGLSVEVCGPALSQQWKFTLNLQQKHHHHHH
;
A
2 'polypeptide(L)' PTTDSTTPAPTTK P
#
# COMPACT_ATOMS: atom_id res chain seq x y z
N LYS A 32 33.06 -17.25 -18.46
CA LYS A 32 32.59 -16.01 -17.77
C LYS A 32 33.24 -14.77 -18.41
N VAL A 33 32.47 -13.70 -18.58
CA VAL A 33 32.99 -12.41 -19.03
C VAL A 33 32.86 -11.39 -17.90
N ARG A 34 33.76 -10.38 -17.90
CA ARG A 34 33.60 -9.18 -17.08
C ARG A 34 32.43 -8.39 -17.68
N TRP A 35 31.66 -7.70 -16.84
CA TRP A 35 30.40 -7.16 -17.38
C TRP A 35 30.59 -6.18 -18.54
N PRO A 36 31.67 -5.34 -18.65
CA PRO A 36 31.78 -4.39 -19.75
C PRO A 36 31.88 -5.12 -21.10
N ASP A 37 32.28 -6.38 -21.08
CA ASP A 37 32.37 -7.16 -22.32
C ASP A 37 31.08 -7.91 -22.59
N PHE A 38 30.06 -7.79 -21.71
CA PHE A 38 28.79 -8.46 -22.02
C PHE A 38 28.14 -7.80 -23.23
N ASN A 39 27.55 -8.63 -24.08
CA ASN A 39 26.98 -8.19 -25.38
C ASN A 39 25.51 -7.77 -25.17
N GLN A 40 25.32 -6.53 -24.68
CA GLN A 40 24.05 -6.04 -24.31
C GLN A 40 23.18 -5.88 -25.57
N GLU A 41 23.80 -5.56 -26.70
CA GLU A 41 23.06 -5.34 -27.95
C GLU A 41 22.38 -6.61 -28.44
N ALA A 42 23.13 -7.70 -28.52
CA ALA A 42 22.56 -9.01 -28.87
C ALA A 42 21.45 -9.40 -27.85
N TYR A 43 21.75 -9.19 -26.57
CA TYR A 43 20.86 -9.68 -25.46
C TYR A 43 19.51 -8.94 -25.49
N VAL A 44 19.59 -7.61 -25.47
CA VAL A 44 18.37 -6.77 -25.47
C VAL A 44 17.69 -6.84 -26.84
N GLY A 45 18.50 -6.93 -27.91
CA GLY A 45 17.96 -6.96 -29.29
C GLY A 45 16.99 -8.10 -29.56
N GLY A 46 17.14 -9.22 -28.84
CA GLY A 46 16.22 -10.43 -28.91
C GLY A 46 14.76 -10.19 -28.56
N THR A 47 14.43 -9.11 -27.82
CA THR A 47 13.10 -8.96 -27.21
C THR A 47 12.62 -7.50 -27.39
N MET A 48 13.09 -6.80 -28.44
CA MET A 48 12.71 -5.39 -28.58
C MET A 48 11.24 -5.27 -28.99
N VAL A 49 10.65 -4.11 -28.68
CA VAL A 49 9.28 -3.81 -29.08
C VAL A 49 9.25 -3.60 -30.59
N ARG A 50 8.24 -4.15 -31.27
CA ARG A 50 8.17 -4.00 -32.74
C ARG A 50 7.41 -2.72 -33.12
N SER A 51 7.63 -2.22 -34.34
CA SER A 51 6.81 -1.06 -34.88
C SER A 51 5.32 -1.29 -34.69
N GLY A 52 4.63 -0.24 -34.23
CA GLY A 52 3.18 -0.28 -34.01
C GLY A 52 2.80 -0.88 -32.66
N GLN A 53 3.73 -1.62 -32.03
CA GLN A 53 3.37 -2.38 -30.84
C GLN A 53 3.39 -1.46 -29.60
N ASP A 54 2.53 -1.78 -28.65
CA ASP A 54 2.33 -1.06 -27.43
C ASP A 54 3.58 -1.20 -26.57
N PRO A 55 4.35 -0.11 -26.32
CA PRO A 55 5.59 -0.23 -25.56
C PRO A 55 5.38 -0.48 -24.06
N TYR A 56 4.13 -0.44 -23.56
CA TYR A 56 3.82 -0.67 -22.13
C TYR A 56 3.20 -2.06 -21.84
N ALA A 57 2.87 -2.80 -22.88
CA ALA A 57 2.06 -3.98 -22.70
C ALA A 57 2.80 -5.04 -21.86
N ARG A 58 4.06 -5.31 -22.18
CA ARG A 58 4.73 -6.47 -21.54
C ARG A 58 5.06 -6.21 -20.05
N ASN A 59 5.41 -4.97 -19.71
CA ASN A 59 6.07 -4.62 -18.40
C ASN A 59 5.33 -3.57 -17.61
N LYS A 60 4.39 -2.85 -18.26
CA LYS A 60 3.68 -1.67 -17.63
C LYS A 60 4.68 -0.59 -17.24
N PHE A 61 5.78 -0.55 -17.99
CA PHE A 61 6.58 0.61 -18.19
C PHE A 61 7.05 0.63 -19.64
N ASN A 62 7.65 1.74 -20.04
CA ASN A 62 8.04 1.94 -21.42
C ASN A 62 9.33 1.17 -21.76
N GLN A 63 9.16 0.03 -22.45
CA GLN A 63 10.29 -0.86 -22.73
C GLN A 63 11.17 -0.24 -23.80
N VAL A 64 10.59 0.56 -24.70
CA VAL A 64 11.36 1.22 -25.72
C VAL A 64 12.41 2.13 -25.07
N GLU A 65 12.01 2.92 -24.07
CA GLU A 65 12.90 3.83 -23.40
C GLU A 65 13.92 3.04 -22.55
N SER A 66 13.50 1.97 -21.90
CA SER A 66 14.45 1.12 -21.15
C SER A 66 15.51 0.54 -22.09
N ASP A 67 15.07 0.09 -23.27
CA ASP A 67 15.96 -0.58 -24.22
C ASP A 67 16.95 0.40 -24.85
N LYS A 68 16.67 1.72 -24.79
CA LYS A 68 17.56 2.71 -25.41
C LYS A 68 18.78 2.97 -24.54
N LEU A 69 18.70 2.61 -23.26
CA LEU A 69 19.72 2.91 -22.28
C LEU A 69 20.82 1.85 -22.27
N ARG A 70 22.02 2.33 -22.05
CA ARG A 70 23.16 1.47 -21.88
C ARG A 70 23.09 0.83 -20.50
N MET A 71 23.70 -0.34 -20.38
CA MET A 71 23.63 -1.13 -19.19
C MET A 71 24.30 -0.41 -18.02
N ASP A 72 25.25 0.52 -18.31
CA ASP A 72 25.99 1.24 -17.32
C ASP A 72 25.72 2.74 -17.40
N ARG A 73 24.51 3.12 -17.84
CA ARG A 73 24.20 4.49 -18.10
C ARG A 73 24.47 5.28 -16.82
N ALA A 74 25.09 6.46 -16.97
CA ALA A 74 25.32 7.40 -15.91
C ALA A 74 24.00 7.94 -15.36
N ILE A 75 23.93 8.04 -14.05
CA ILE A 75 22.76 8.56 -13.32
C ILE A 75 23.25 9.69 -12.43
N PRO A 76 22.48 10.74 -12.12
CA PRO A 76 22.93 11.78 -11.21
C PRO A 76 23.15 11.28 -9.77
N ASP A 77 24.12 11.87 -9.06
CA ASP A 77 24.35 11.58 -7.68
C ASP A 77 23.34 12.38 -6.87
N THR A 78 22.38 11.68 -6.28
CA THR A 78 21.26 12.33 -5.62
C THR A 78 21.50 12.51 -4.11
N ARG A 79 22.69 12.15 -3.62
CA ARG A 79 23.00 12.19 -2.21
C ARG A 79 23.17 13.63 -1.70
N HIS A 80 22.85 13.81 -0.41
CA HIS A 80 23.19 15.00 0.34
C HIS A 80 24.70 15.21 0.28
N ASP A 81 25.12 16.47 0.22
CA ASP A 81 26.56 16.82 0.23
C ASP A 81 27.33 16.13 1.38
N GLN A 82 26.70 16.04 2.55
CA GLN A 82 27.35 15.44 3.75
C GLN A 82 27.77 14.01 3.47
N CYS A 83 27.05 13.29 2.59
CA CYS A 83 27.43 11.90 2.22
C CYS A 83 28.80 11.83 1.53
N GLN A 84 29.17 12.89 0.81
CA GLN A 84 30.30 12.88 -0.13
C GLN A 84 31.62 12.99 0.66
N ARG A 85 31.53 13.59 1.85
CA ARG A 85 32.61 13.64 2.82
C ARG A 85 32.43 12.50 3.83
N LYS A 86 32.52 11.26 3.36
CA LYS A 86 32.43 10.10 4.22
C LYS A 86 33.43 9.04 3.75
N GLN A 87 34.17 8.53 4.75
CA GLN A 87 35.03 7.36 4.68
C GLN A 87 34.27 6.22 5.37
N TRP A 88 34.15 5.08 4.67
CA TRP A 88 33.32 3.94 5.10
C TRP A 88 34.17 2.91 5.87
N ARG A 89 33.81 2.58 7.14
CA ARG A 89 34.48 1.43 7.89
C ARG A 89 34.96 0.39 6.84
N VAL A 90 36.14 -0.20 7.07
CA VAL A 90 36.92 -0.84 5.97
C VAL A 90 36.60 -2.33 5.94
N ASP A 91 36.58 -2.90 7.14
CA ASP A 91 36.35 -4.28 7.35
C ASP A 91 34.84 -4.51 7.38
N LEU A 92 34.17 -4.24 6.26
CA LEU A 92 32.70 -4.49 6.18
C LEU A 92 32.52 -5.91 5.67
N PRO A 93 31.43 -6.59 6.05
CA PRO A 93 31.15 -7.93 5.53
C PRO A 93 30.63 -7.84 4.09
N ALA A 94 31.12 -8.74 3.23
CA ALA A 94 30.61 -8.91 1.88
C ALA A 94 29.14 -9.36 1.92
N THR A 95 28.39 -9.07 0.85
CA THR A 95 26.97 -9.43 0.78
C THR A 95 26.71 -10.35 -0.40
N SER A 96 25.69 -11.20 -0.25
CA SER A 96 25.06 -11.89 -1.36
C SER A 96 23.83 -11.09 -1.81
N VAL A 97 23.83 -10.60 -3.05
CA VAL A 97 22.75 -9.79 -3.62
C VAL A 97 21.75 -10.75 -4.29
N VAL A 98 20.49 -10.78 -3.81
CA VAL A 98 19.45 -11.68 -4.34
C VAL A 98 18.45 -10.84 -5.11
N ILE A 99 18.34 -11.10 -6.41
CA ILE A 99 17.38 -10.42 -7.29
C ILE A 99 16.44 -11.47 -7.86
N THR A 100 15.16 -11.39 -7.48
CA THR A 100 14.15 -12.28 -8.12
C THR A 100 13.43 -11.50 -9.22
N PHE A 101 12.98 -12.22 -10.26
CA PHE A 101 12.33 -11.59 -11.38
C PHE A 101 11.38 -12.59 -12.06
N HIS A 102 10.30 -12.06 -12.60
CA HIS A 102 9.34 -12.81 -13.37
C HIS A 102 8.99 -11.94 -14.56
N ASN A 103 9.43 -12.34 -15.75
CA ASN A 103 9.15 -11.64 -17.01
C ASN A 103 9.55 -10.18 -16.89
N GLU A 104 10.80 -9.94 -16.49
CA GLU A 104 11.44 -8.63 -16.46
C GLU A 104 11.93 -8.26 -17.85
N ALA A 105 11.83 -6.98 -18.22
CA ALA A 105 12.46 -6.52 -19.46
C ALA A 105 13.97 -6.81 -19.35
N ARG A 106 14.57 -7.44 -20.38
CA ARG A 106 16.03 -7.75 -20.43
C ARG A 106 16.90 -6.51 -20.15
N SER A 107 16.54 -5.33 -20.69
CA SER A 107 17.38 -4.16 -20.49
C SER A 107 17.40 -3.78 -19.01
N ALA A 108 16.22 -3.81 -18.36
CA ALA A 108 16.10 -3.39 -16.96
C ALA A 108 16.80 -4.40 -16.02
N LEU A 109 16.64 -5.69 -16.26
CA LEU A 109 17.29 -6.68 -15.48
C LEU A 109 18.81 -6.54 -15.61
N LEU A 110 19.33 -6.43 -16.84
CA LEU A 110 20.79 -6.32 -17.03
C LEU A 110 21.33 -5.07 -16.31
N ARG A 111 20.65 -3.94 -16.48
CA ARG A 111 21.05 -2.70 -15.89
C ARG A 111 21.03 -2.79 -14.37
N THR A 112 20.11 -3.56 -13.80
CA THR A 112 20.19 -3.77 -12.35
C THR A 112 21.50 -4.44 -11.97
N VAL A 113 21.81 -5.55 -12.62
CA VAL A 113 23.01 -6.36 -12.36
C VAL A 113 24.25 -5.48 -12.50
N VAL A 114 24.38 -4.81 -13.65
CA VAL A 114 25.52 -3.94 -13.89
C VAL A 114 25.60 -2.81 -12.84
N SER A 115 24.48 -2.22 -12.42
CA SER A 115 24.58 -1.12 -11.41
C SER A 115 25.21 -1.65 -10.11
N VAL A 116 24.87 -2.90 -9.77
CA VAL A 116 25.42 -3.52 -8.60
C VAL A 116 26.93 -3.68 -8.77
N LEU A 117 27.32 -4.22 -9.94
CA LEU A 117 28.74 -4.59 -10.16
C LEU A 117 29.62 -3.34 -10.30
N LYS A 118 29.08 -2.29 -10.93
CA LYS A 118 29.84 -1.09 -11.19
C LYS A 118 29.87 -0.19 -9.94
N LYS A 119 28.80 -0.13 -9.15
CA LYS A 119 28.74 0.87 -8.10
C LYS A 119 29.10 0.35 -6.71
N SER A 120 29.36 -0.95 -6.62
CA SER A 120 29.71 -1.61 -5.36
C SER A 120 31.22 -1.91 -5.38
N PRO A 121 31.95 -1.73 -4.26
CA PRO A 121 33.34 -2.20 -4.23
C PRO A 121 33.29 -3.70 -4.49
N PRO A 122 34.10 -4.21 -5.45
CA PRO A 122 34.11 -5.64 -5.74
C PRO A 122 34.27 -6.58 -4.55
N HIS A 123 35.09 -6.22 -3.56
CA HIS A 123 35.34 -7.12 -2.39
C HIS A 123 34.11 -7.26 -1.47
N LEU A 124 33.08 -6.42 -1.64
CA LEU A 124 31.86 -6.51 -0.85
C LEU A 124 30.75 -7.24 -1.62
N ILE A 125 31.02 -7.62 -2.88
CA ILE A 125 30.04 -8.38 -3.64
C ILE A 125 30.55 -9.81 -3.75
N LYS A 126 29.97 -10.67 -2.91
CA LYS A 126 30.31 -12.10 -2.94
C LYS A 126 29.77 -12.70 -4.24
N GLU A 127 28.51 -12.37 -4.55
CA GLU A 127 27.81 -13.00 -5.65
C GLU A 127 26.53 -12.21 -5.87
N ILE A 128 26.02 -12.30 -7.10
CA ILE A 128 24.70 -11.86 -7.39
C ILE A 128 23.88 -13.10 -7.76
N ILE A 129 22.86 -13.39 -6.95
CA ILE A 129 22.01 -14.53 -7.20
C ILE A 129 20.73 -14.03 -7.91
N LEU A 130 20.55 -14.36 -9.19
CA LEU A 130 19.27 -14.14 -9.88
C LEU A 130 18.36 -15.36 -9.71
N VAL A 131 17.14 -15.13 -9.17
CA VAL A 131 16.12 -16.13 -9.03
C VAL A 131 15.06 -15.83 -10.09
N ASP A 132 15.10 -16.64 -11.14
CA ASP A 132 14.21 -16.58 -12.28
C ASP A 132 12.93 -17.30 -11.88
N ASP A 133 11.89 -16.52 -11.57
CA ASP A 133 10.69 -17.09 -10.99
C ASP A 133 9.77 -17.54 -12.14
N TYR A 134 10.23 -18.57 -12.87
CA TYR A 134 9.41 -19.22 -13.93
C TYR A 134 9.05 -18.22 -15.03
N SER A 135 10.06 -17.48 -15.49
CA SER A 135 9.87 -16.55 -16.56
C SER A 135 9.50 -17.34 -17.83
N ASN A 136 8.71 -16.69 -18.68
CA ASN A 136 8.32 -17.23 -20.01
C ASN A 136 9.55 -17.73 -20.79
N ASP A 137 10.58 -16.89 -20.84
CA ASP A 137 11.77 -17.17 -21.66
C ASP A 137 12.97 -17.43 -20.74
N PRO A 138 13.46 -18.69 -20.60
CA PRO A 138 14.55 -18.98 -19.67
C PRO A 138 15.89 -18.35 -20.07
N GLU A 139 16.05 -17.92 -21.32
CA GLU A 139 17.27 -17.23 -21.72
C GLU A 139 17.38 -15.85 -21.04
N ASP A 140 16.28 -15.23 -20.62
CA ASP A 140 16.43 -13.87 -20.02
C ASP A 140 17.47 -13.99 -18.91
N GLY A 141 17.30 -15.04 -18.10
CA GLY A 141 18.20 -15.30 -17.01
C GLY A 141 19.44 -16.04 -17.43
N ALA A 142 19.29 -17.13 -18.18
CA ALA A 142 20.48 -17.99 -18.53
C ALA A 142 21.59 -17.17 -19.18
N LEU A 143 21.24 -16.24 -20.07
CA LEU A 143 22.27 -15.49 -20.81
C LEU A 143 23.11 -14.60 -19.88
N LEU A 144 22.52 -14.11 -18.77
CA LEU A 144 23.23 -13.28 -17.79
C LEU A 144 24.21 -14.12 -16.95
N GLY A 145 24.01 -15.45 -16.95
CA GLY A 145 24.85 -16.39 -16.22
C GLY A 145 26.30 -16.37 -16.69
N LYS A 146 26.52 -15.76 -17.87
CA LYS A 146 27.81 -15.57 -18.49
C LYS A 146 28.65 -14.57 -17.65
N ILE A 147 27.98 -13.67 -16.92
CA ILE A 147 28.60 -12.48 -16.32
C ILE A 147 29.25 -12.84 -14.98
N GLU A 148 30.45 -12.28 -14.74
CA GLU A 148 31.27 -12.46 -13.51
C GLU A 148 30.32 -12.27 -12.34
N LYS A 149 30.34 -13.24 -11.43
CA LYS A 149 29.66 -13.23 -10.14
C LYS A 149 28.16 -13.48 -10.19
N VAL A 150 27.58 -13.69 -11.36
CA VAL A 150 26.16 -13.95 -11.41
C VAL A 150 25.93 -15.46 -11.35
N ARG A 151 25.05 -15.87 -10.43
CA ARG A 151 24.51 -17.23 -10.31
C ARG A 151 23.02 -17.21 -10.65
N VAL A 152 22.59 -18.04 -11.57
CA VAL A 152 21.18 -18.08 -11.97
C VAL A 152 20.45 -19.31 -11.43
N LEU A 153 19.38 -19.06 -10.66
CA LEU A 153 18.52 -20.13 -10.11
C LEU A 153 17.13 -20.00 -10.77
N ARG A 154 16.78 -20.97 -11.64
CA ARG A 154 15.44 -20.90 -12.27
C ARG A 154 14.49 -21.80 -11.51
N ASN A 155 13.34 -21.23 -11.13
CA ASN A 155 12.29 -22.00 -10.48
C ASN A 155 11.57 -22.84 -11.55
N ASP A 156 11.31 -24.10 -11.18
CA ASP A 156 10.67 -25.12 -12.02
C ASP A 156 9.16 -24.82 -12.09
N ARG A 157 8.64 -23.96 -11.20
CA ARG A 157 7.25 -23.50 -11.27
C ARG A 157 7.17 -22.08 -10.72
N ARG A 158 6.05 -21.41 -10.96
CA ARG A 158 5.83 -20.08 -10.36
C ARG A 158 5.80 -20.23 -8.84
N GLU A 159 6.65 -19.41 -8.17
CA GLU A 159 6.83 -19.45 -6.70
C GLU A 159 6.45 -18.13 -6.05
N GLY A 160 6.54 -17.01 -6.77
CA GLY A 160 6.24 -15.71 -6.23
C GLY A 160 7.47 -15.12 -5.57
N LEU A 161 7.42 -13.83 -5.22
CA LEU A 161 8.63 -13.17 -4.74
C LEU A 161 9.12 -13.66 -3.37
N MET A 162 8.22 -14.08 -2.48
CA MET A 162 8.56 -14.45 -1.15
C MET A 162 9.35 -15.76 -1.18
N ARG A 163 8.78 -16.79 -1.78
CA ARG A 163 9.46 -18.05 -1.81
C ARG A 163 10.71 -17.93 -2.68
N SER A 164 10.67 -17.09 -3.71
CA SER A 164 11.82 -16.89 -4.61
C SER A 164 12.96 -16.23 -3.80
N ARG A 165 12.61 -15.23 -2.95
CA ARG A 165 13.62 -14.59 -2.13
C ARG A 165 14.21 -15.58 -1.12
N VAL A 166 13.39 -16.46 -0.57
CA VAL A 166 13.93 -17.44 0.46
C VAL A 166 14.84 -18.44 -0.23
N ARG A 167 14.52 -18.79 -1.48
CA ARG A 167 15.38 -19.63 -2.29
C ARG A 167 16.75 -19.00 -2.47
N GLY A 168 16.80 -17.75 -2.95
CA GLY A 168 18.07 -17.06 -3.07
C GLY A 168 18.80 -16.96 -1.75
N ALA A 169 18.07 -16.64 -0.69
CA ALA A 169 18.70 -16.40 0.62
C ALA A 169 19.33 -17.68 1.20
N ASP A 170 18.62 -18.79 1.08
CA ASP A 170 19.10 -20.15 1.43
C ASP A 170 20.35 -20.53 0.59
N ALA A 171 20.44 -20.04 -0.65
CA ALA A 171 21.60 -20.39 -1.51
C ALA A 171 22.78 -19.44 -1.26
N ALA A 172 22.55 -18.33 -0.54
CA ALA A 172 23.60 -17.29 -0.37
C ALA A 172 24.77 -17.84 0.46
N GLN A 173 25.98 -17.48 0.05
CA GLN A 173 27.17 -17.88 0.77
C GLN A 173 27.65 -16.81 1.74
N ALA A 174 27.28 -15.54 1.54
CA ALA A 174 27.83 -14.46 2.41
C ALA A 174 27.07 -14.36 3.75
N LYS A 175 27.55 -13.48 4.63
CA LYS A 175 27.01 -13.32 5.97
C LYS A 175 25.86 -12.30 6.01
N VAL A 176 25.72 -11.52 4.94
CA VAL A 176 24.74 -10.41 4.83
C VAL A 176 24.03 -10.55 3.49
N LEU A 177 22.68 -10.46 3.56
CA LEU A 177 21.79 -10.44 2.40
C LEU A 177 21.44 -9.02 1.97
N THR A 178 21.43 -8.85 0.67
CA THR A 178 20.84 -7.69 0.03
C THR A 178 19.78 -8.19 -0.97
N PHE A 179 18.57 -7.68 -0.84
CA PHE A 179 17.48 -7.97 -1.77
C PHE A 179 17.25 -6.69 -2.60
N LEU A 180 17.11 -6.84 -3.92
CA LEU A 180 16.77 -5.73 -4.79
C LEU A 180 15.68 -6.26 -5.73
N ASP A 181 14.81 -5.39 -6.17
CA ASP A 181 13.93 -5.71 -7.29
C ASP A 181 14.77 -5.73 -8.59
N SER A 182 14.19 -6.28 -9.65
CA SER A 182 14.85 -6.50 -10.91
C SER A 182 14.82 -5.31 -11.88
N HIS A 183 14.44 -4.10 -11.41
CA HIS A 183 14.47 -2.90 -12.22
C HIS A 183 14.93 -1.74 -11.33
N CYS A 184 16.16 -1.90 -10.83
CA CYS A 184 16.74 -0.94 -9.90
C CYS A 184 18.05 -0.41 -10.49
N GLU A 185 18.49 0.77 -10.02
CA GLU A 185 19.78 1.30 -10.39
C GLU A 185 20.41 1.89 -9.14
N CYS A 186 21.46 1.22 -8.70
CA CYS A 186 22.26 1.62 -7.56
C CYS A 186 23.09 2.87 -7.87
N ASN A 187 23.23 3.73 -6.86
CA ASN A 187 23.97 5.01 -7.01
C ASN A 187 25.31 4.90 -6.28
N GLU A 188 26.03 6.03 -6.29
CA GLU A 188 27.36 6.15 -5.75
C GLU A 188 27.40 5.70 -4.28
N HIS A 189 28.30 4.76 -3.95
CA HIS A 189 28.51 4.29 -2.56
C HIS A 189 27.17 4.01 -1.87
N TRP A 190 26.29 3.31 -2.59
CA TRP A 190 25.00 2.91 -2.04
C TRP A 190 25.19 1.83 -0.94
N LEU A 191 26.21 0.98 -1.08
CA LEU A 191 26.21 -0.27 -0.31
C LEU A 191 26.85 -0.13 1.09
N GLU A 192 28.00 0.59 1.15
CA GLU A 192 28.82 0.70 2.36
C GLU A 192 27.99 1.27 3.51
N PRO A 193 27.18 2.33 3.32
CA PRO A 193 26.38 2.88 4.42
C PRO A 193 25.36 1.89 5.02
N LEU A 194 24.83 0.99 4.18
CA LEU A 194 23.90 -0.05 4.62
C LEU A 194 24.70 -1.11 5.40
N LEU A 195 25.79 -1.60 4.81
CA LEU A 195 26.60 -2.61 5.46
C LEU A 195 27.08 -2.11 6.84
N GLU A 196 27.41 -0.82 6.95
CA GLU A 196 28.00 -0.29 8.20
C GLU A 196 26.99 -0.43 9.34
N ARG A 197 25.71 -0.17 9.04
CA ARG A 197 24.68 -0.24 10.05
C ARG A 197 24.57 -1.67 10.57
N VAL A 198 24.55 -2.64 9.65
CA VAL A 198 24.30 -4.03 9.99
C VAL A 198 25.54 -4.65 10.66
N ALA A 199 26.72 -4.21 10.24
CA ALA A 199 27.97 -4.66 10.83
C ALA A 199 27.98 -4.26 12.31
N GLU A 200 27.46 -3.07 12.62
CA GLU A 200 27.46 -2.57 14.01
C GLU A 200 26.41 -3.29 14.87
N ASP A 201 25.23 -3.54 14.31
CA ASP A 201 24.14 -4.16 15.01
C ASP A 201 23.37 -5.08 14.05
N ARG A 202 23.56 -6.39 14.23
CA ARG A 202 22.95 -7.43 13.37
C ARG A 202 21.41 -7.38 13.33
N THR A 203 20.75 -6.65 14.26
CA THR A 203 19.29 -6.61 14.32
C THR A 203 18.67 -5.40 13.58
N ARG A 204 19.51 -4.58 12.94
CA ARG A 204 19.06 -3.49 12.11
C ARG A 204 18.81 -4.00 10.70
N VAL A 205 17.62 -3.71 10.17
CA VAL A 205 17.29 -4.04 8.79
C VAL A 205 17.12 -2.72 8.07
N VAL A 206 17.89 -2.53 6.97
CA VAL A 206 18.11 -1.17 6.50
C VAL A 206 17.87 -1.12 4.99
N SER A 207 17.40 0.05 4.55
CA SER A 207 17.05 0.23 3.19
C SER A 207 17.61 1.57 2.73
N PRO A 208 17.94 1.67 1.42
CA PRO A 208 18.27 2.94 0.79
C PRO A 208 17.03 3.83 0.65
N ILE A 209 17.22 5.15 0.48
CA ILE A 209 16.25 5.97 -0.13
C ILE A 209 15.93 5.45 -1.54
N ALA A 210 14.63 5.34 -1.83
CA ALA A 210 14.14 4.79 -3.11
C ALA A 210 13.97 5.97 -4.06
N ASP A 211 15.00 6.19 -4.89
CA ASP A 211 14.90 7.14 -5.95
C ASP A 211 13.90 6.64 -7.00
N VAL A 212 13.42 7.55 -7.84
CA VAL A 212 12.38 7.25 -8.85
C VAL A 212 13.02 7.16 -10.26
N ILE A 213 12.84 6.02 -10.93
CA ILE A 213 13.09 5.87 -12.35
C ILE A 213 11.73 5.99 -13.07
N ASN A 214 11.58 7.07 -13.86
CA ASN A 214 10.31 7.40 -14.48
C ASN A 214 9.88 6.27 -15.45
N MET A 215 8.64 5.81 -15.30
CA MET A 215 8.20 4.59 -16.05
C MET A 215 7.95 4.88 -17.54
N ASP A 216 7.81 6.16 -17.88
CA ASP A 216 7.58 6.60 -19.29
C ASP A 216 8.87 6.91 -20.03
N ASN A 217 9.88 7.54 -19.37
CA ASN A 217 11.05 7.97 -20.11
C ASN A 217 12.38 7.56 -19.45
N PHE A 218 12.32 6.96 -18.27
CA PHE A 218 13.44 6.31 -17.58
C PHE A 218 14.49 7.28 -17.09
N GLN A 219 14.09 8.54 -16.87
CA GLN A 219 14.93 9.47 -16.20
C GLN A 219 14.94 9.14 -14.71
N TYR A 220 16.15 9.24 -14.14
CA TYR A 220 16.48 8.98 -12.73
C TYR A 220 16.34 10.30 -11.95
N VAL A 221 15.50 10.32 -10.92
CA VAL A 221 15.18 11.51 -10.14
C VAL A 221 15.25 11.16 -8.66
N GLY A 222 15.84 12.03 -7.87
CA GLY A 222 15.95 11.84 -6.46
C GLY A 222 14.66 12.02 -5.73
N ALA A 223 14.40 11.05 -4.83
CA ALA A 223 13.27 11.11 -3.89
C ALA A 223 13.52 12.20 -2.85
N SER A 224 12.45 12.74 -2.27
CA SER A 224 12.59 13.49 -1.01
C SER A 224 13.27 12.67 0.10
N ALA A 225 14.19 13.28 0.88
CA ALA A 225 14.81 12.60 2.09
C ALA A 225 13.96 12.80 3.35
N ASP A 226 12.82 13.49 3.23
CA ASP A 226 12.00 13.81 4.43
C ASP A 226 10.89 12.75 4.64
N LEU A 227 11.10 11.53 4.16
CA LEU A 227 10.03 10.52 4.14
C LEU A 227 10.36 9.36 5.07
N LYS A 228 9.30 8.66 5.47
CA LYS A 228 9.34 7.39 6.20
C LYS A 228 8.33 6.44 5.54
N GLY A 229 8.46 5.15 5.83
CA GLY A 229 7.50 4.19 5.37
C GLY A 229 6.37 4.10 6.35
N GLY A 230 5.15 3.92 5.87
CA GLY A 230 3.97 3.82 6.70
C GLY A 230 2.89 3.00 6.02
N PHE A 231 1.67 3.11 6.55
CA PHE A 231 0.48 2.45 5.97
C PHE A 231 -0.77 3.10 6.57
N ASP A 232 -1.90 3.02 5.88
CA ASP A 232 -3.18 3.34 6.52
C ASP A 232 -3.80 1.99 6.96
N TRP A 233 -5.00 2.00 7.55
CA TRP A 233 -5.57 0.75 8.12
C TRP A 233 -5.96 -0.27 7.04
N ASN A 234 -6.00 0.14 5.77
CA ASN A 234 -6.18 -0.82 4.75
C ASN A 234 -4.88 -1.60 4.49
N LEU A 235 -3.84 -1.36 5.30
CA LEU A 235 -2.53 -2.13 5.23
C LEU A 235 -1.88 -2.10 3.84
N VAL A 236 -2.08 -1.02 3.08
CA VAL A 236 -1.30 -0.76 1.89
C VAL A 236 -0.14 0.17 2.28
N PHE A 237 1.07 -0.27 1.96
CA PHE A 237 2.26 0.54 2.17
C PHE A 237 2.07 1.92 1.50
N LYS A 238 2.50 2.98 2.20
CA LYS A 238 2.58 4.35 1.70
C LYS A 238 3.81 5.08 2.27
N TRP A 239 4.19 6.18 1.60
CA TRP A 239 5.21 7.07 2.10
C TRP A 239 4.58 8.16 2.98
N ASP A 240 5.09 8.30 4.19
CA ASP A 240 4.69 9.35 5.16
C ASP A 240 5.73 10.47 5.17
N TYR A 241 5.26 11.72 5.11
CA TYR A 241 6.12 12.89 5.28
C TYR A 241 6.43 13.11 6.76
N MET A 242 7.69 13.42 7.09
CA MET A 242 8.10 13.66 8.47
C MET A 242 7.34 14.85 9.04
N THR A 243 6.99 14.74 10.33
CA THR A 243 6.36 15.78 11.06
C THR A 243 7.34 16.95 11.14
N PRO A 244 6.84 18.18 11.40
CA PRO A 244 7.72 19.33 11.62
C PRO A 244 8.81 19.03 12.68
N GLU A 245 8.41 18.38 13.77
CA GLU A 245 9.33 18.11 14.90
C GLU A 245 10.40 17.09 14.48
N GLN A 246 10.00 16.07 13.73
CA GLN A 246 10.96 15.06 13.24
C GLN A 246 12.03 15.73 12.36
N ARG A 247 11.62 16.64 11.47
CA ARG A 247 12.59 17.35 10.61
C ARG A 247 13.52 18.24 11.46
N ARG A 248 12.93 19.03 12.38
CA ARG A 248 13.71 19.92 13.25
C ARG A 248 14.81 19.13 14.00
N SER A 249 14.47 17.94 14.51
CA SER A 249 15.36 17.13 15.34
C SER A 249 16.57 16.59 14.55
N ARG A 250 16.50 16.63 13.20
CA ARG A 250 17.52 16.06 12.28
C ARG A 250 18.52 17.11 11.73
N GLN A 251 18.34 18.38 12.08
CA GLN A 251 19.21 19.47 11.58
C GLN A 251 20.68 19.28 12.03
N GLY A 252 20.92 18.60 13.16
CA GLY A 252 22.31 18.33 13.58
C GLY A 252 23.03 17.46 12.54
N ASN A 253 22.26 16.59 11.86
CA ASN A 253 22.78 15.58 10.97
C ASN A 253 21.64 15.07 10.08
N PRO A 254 21.34 15.76 8.98
CA PRO A 254 20.30 15.37 8.04
C PRO A 254 20.53 14.03 7.29
N VAL A 255 21.70 13.42 7.44
CA VAL A 255 21.94 12.11 6.81
C VAL A 255 21.97 11.01 7.87
N ALA A 256 21.49 11.30 9.08
CA ALA A 256 21.45 10.28 10.08
C ALA A 256 20.45 9.22 9.61
N PRO A 257 20.59 7.98 10.11
CA PRO A 257 19.59 6.95 9.87
C PRO A 257 18.18 7.48 10.24
N ILE A 258 17.18 7.13 9.44
CA ILE A 258 15.75 7.45 9.71
C ILE A 258 15.14 6.14 10.19
N LYS A 259 14.77 6.10 11.47
CA LYS A 259 14.01 4.96 11.93
C LYS A 259 12.65 5.01 11.25
N THR A 260 12.18 3.85 10.73
CA THR A 260 10.95 3.84 9.94
C THR A 260 10.02 2.72 10.40
N PRO A 261 8.70 3.00 10.54
CA PRO A 261 7.75 1.95 10.91
C PRO A 261 7.66 0.80 9.91
N MET A 262 7.97 1.10 8.63
CA MET A 262 7.86 0.11 7.57
C MET A 262 8.87 0.40 6.46
N ILE A 263 9.36 -0.69 5.84
CA ILE A 263 10.19 -0.55 4.66
C ILE A 263 9.40 -0.97 3.42
N ALA A 264 9.73 -0.36 2.28
CA ALA A 264 9.29 -0.87 0.99
C ALA A 264 9.94 -2.24 0.75
N GLY A 265 9.42 -3.03 -0.18
CA GLY A 265 10.04 -4.37 -0.37
C GLY A 265 11.17 -4.42 -1.37
N GLY A 266 11.45 -3.33 -2.08
CA GLY A 266 12.26 -3.37 -3.32
C GLY A 266 13.78 -3.33 -3.11
N ALA A 267 14.24 -3.02 -1.89
CA ALA A 267 15.67 -2.88 -1.61
C ALA A 267 15.87 -2.82 -0.10
N PHE A 268 16.54 -3.84 0.43
CA PHE A 268 16.95 -3.83 1.82
C PHE A 268 18.09 -4.81 2.07
N VAL A 269 18.75 -4.55 3.21
CA VAL A 269 19.95 -5.32 3.65
C VAL A 269 19.71 -5.88 5.04
N MET A 270 20.05 -7.15 5.24
CA MET A 270 19.77 -7.84 6.47
C MET A 270 20.83 -8.92 6.72
N ASP A 271 21.35 -8.95 7.95
CA ASP A 271 22.22 -10.01 8.41
C ASP A 271 21.60 -11.36 8.08
N LYS A 272 22.37 -12.29 7.48
CA LYS A 272 21.76 -13.54 6.94
C LYS A 272 21.22 -14.43 8.06
N PHE A 273 22.04 -14.64 9.12
CA PHE A 273 21.54 -15.43 10.25
C PHE A 273 20.31 -14.79 10.91
N TYR A 274 20.28 -13.45 11.03
CA TYR A 274 19.12 -12.73 11.57
C TYR A 274 17.88 -13.03 10.70
N PHE A 275 18.03 -12.90 9.38
CA PHE A 275 16.95 -13.27 8.48
C PHE A 275 16.43 -14.69 8.79
N GLU A 276 17.32 -15.65 8.94
CA GLU A 276 16.90 -17.05 9.09
C GLU A 276 16.18 -17.20 10.45
N GLU A 277 16.83 -16.75 11.52
CA GLU A 277 16.41 -16.92 12.91
CA GLU A 277 16.34 -17.04 12.84
C GLU A 277 15.06 -16.25 13.14
N LEU A 278 14.87 -15.11 12.49
CA LEU A 278 13.68 -14.33 12.70
C LEU A 278 12.50 -14.85 11.87
N GLY A 279 12.72 -15.84 10.98
CA GLY A 279 11.62 -16.52 10.27
C GLY A 279 11.52 -16.22 8.77
N LYS A 280 12.63 -15.77 8.15
CA LYS A 280 12.75 -15.60 6.69
C LYS A 280 11.59 -14.74 6.20
N TYR A 281 10.78 -15.26 5.26
CA TYR A 281 9.48 -14.75 4.92
C TYR A 281 8.48 -15.87 5.17
N ASP A 282 7.21 -15.48 5.38
CA ASP A 282 6.07 -16.42 5.47
C ASP A 282 5.97 -17.15 4.12
N MET A 283 6.28 -18.46 4.13
CA MET A 283 6.38 -19.19 2.88
C MET A 283 5.02 -19.38 2.20
N MET A 284 3.92 -19.14 2.91
CA MET A 284 2.57 -19.32 2.37
C MET A 284 2.05 -18.05 1.69
N MET A 285 2.84 -16.97 1.69
CA MET A 285 2.53 -15.84 0.87
C MET A 285 2.93 -16.14 -0.57
N ASP A 286 2.09 -15.64 -1.48
CA ASP A 286 2.08 -15.93 -2.89
C ASP A 286 2.24 -14.63 -3.71
N VAL A 287 3.01 -14.73 -4.79
CA VAL A 287 3.22 -13.73 -5.88
C VAL A 287 3.86 -12.43 -5.36
N TRP A 288 3.05 -11.54 -4.76
CA TRP A 288 3.39 -10.16 -4.46
C TRP A 288 2.46 -9.70 -3.36
N GLY A 289 2.94 -8.78 -2.55
CA GLY A 289 2.08 -8.00 -1.64
C GLY A 289 2.11 -8.51 -0.22
N GLY A 290 2.30 -7.58 0.74
CA GLY A 290 2.13 -7.81 2.15
C GLY A 290 3.34 -8.41 2.88
N GLU A 291 4.36 -8.89 2.17
CA GLU A 291 5.55 -9.45 2.86
C GLU A 291 6.37 -8.32 3.49
N ASN A 292 6.34 -7.12 2.89
CA ASN A 292 7.11 -5.99 3.44
C ASN A 292 6.45 -5.49 4.73
N LEU A 293 5.12 -5.52 4.75
CA LEU A 293 4.32 -5.27 5.95
C LEU A 293 4.66 -6.31 7.02
N GLU A 294 4.59 -7.60 6.65
CA GLU A 294 4.82 -8.66 7.62
C GLU A 294 6.23 -8.56 8.22
N ILE A 295 7.25 -8.33 7.38
CA ILE A 295 8.59 -8.38 7.92
C ILE A 295 8.90 -7.13 8.76
N SER A 296 8.25 -6.01 8.45
CA SER A 296 8.45 -4.77 9.20
C SER A 296 7.88 -4.94 10.62
N PHE A 297 6.66 -5.45 10.71
CA PHE A 297 6.03 -5.71 12.04
C PHE A 297 6.91 -6.68 12.83
N ARG A 298 7.32 -7.77 12.17
CA ARG A 298 8.09 -8.82 12.82
C ARG A 298 9.39 -8.30 13.38
N VAL A 299 10.11 -7.50 12.57
CA VAL A 299 11.42 -7.03 12.96
C VAL A 299 11.25 -6.11 14.19
N TRP A 300 10.27 -5.19 14.15
CA TRP A 300 10.10 -4.25 15.27
C TRP A 300 9.56 -4.96 16.53
N GLN A 301 8.51 -5.74 16.40
CA GLN A 301 7.89 -6.46 17.53
C GLN A 301 8.87 -7.47 18.18
N CYS A 302 9.80 -8.04 17.41
CA CYS A 302 10.67 -9.14 17.91
C CYS A 302 12.08 -8.66 18.30
N GLY A 303 12.27 -7.32 18.36
CA GLY A 303 13.39 -6.69 19.06
C GLY A 303 14.46 -6.07 18.18
N GLY A 304 14.24 -6.03 16.86
CA GLY A 304 15.17 -5.35 15.96
C GLY A 304 14.66 -3.98 15.58
N SER A 305 15.17 -3.43 14.46
CA SER A 305 14.76 -2.13 14.00
C SER A 305 14.91 -2.02 12.49
N LEU A 306 14.18 -1.03 11.94
CA LEU A 306 14.15 -0.69 10.54
C LEU A 306 14.68 0.75 10.37
N GLU A 307 15.55 0.92 9.38
CA GLU A 307 16.09 2.22 9.09
C GLU A 307 16.10 2.47 7.58
N ILE A 308 15.88 3.73 7.22
CA ILE A 308 16.15 4.26 5.91
C ILE A 308 17.43 5.07 6.06
N ILE A 309 18.34 4.84 5.11
CA ILE A 309 19.70 5.38 5.20
C ILE A 309 19.88 6.38 4.08
N PRO A 310 19.77 7.69 4.35
CA PRO A 310 19.86 8.72 3.30
C PRO A 310 21.08 8.71 2.38
N CYS A 311 22.26 8.31 2.89
CA CYS A 311 23.45 8.28 2.06
C CYS A 311 23.42 7.12 1.06
N SER A 312 22.48 6.18 1.24
CA SER A 312 22.32 5.04 0.31
C SER A 312 21.13 5.31 -0.62
N ARG A 313 21.39 5.37 -1.92
CA ARG A 313 20.36 5.69 -2.91
C ARG A 313 20.32 4.62 -4.00
N VAL A 314 19.12 4.08 -4.23
CA VAL A 314 18.89 3.13 -5.27
C VAL A 314 17.58 3.53 -5.96
N GLY A 315 17.67 3.80 -7.27
CA GLY A 315 16.52 4.08 -8.10
C GLY A 315 15.70 2.82 -8.34
N HIS A 316 14.38 3.03 -8.47
CA HIS A 316 13.46 1.93 -8.72
C HIS A 316 12.40 2.39 -9.72
N VAL A 317 12.11 1.52 -10.68
CA VAL A 317 11.02 1.79 -11.60
C VAL A 317 9.70 1.52 -10.89
N PHE A 318 9.09 2.57 -10.37
CA PHE A 318 7.70 2.49 -9.84
C PHE A 318 6.70 2.36 -10.99
N ARG A 319 5.68 1.52 -10.78
CA ARG A 319 4.61 1.25 -11.73
C ARG A 319 3.24 1.45 -11.04
N LYS A 320 2.19 1.55 -11.87
CA LYS A 320 0.82 1.70 -11.43
C LYS A 320 0.03 0.39 -11.60
N GLN A 321 0.58 -0.53 -12.38
CA GLN A 321 -0.05 -1.85 -12.53
C GLN A 321 1.03 -2.93 -12.66
N HIS A 322 0.75 -4.09 -12.09
CA HIS A 322 1.55 -5.25 -12.27
C HIS A 322 1.37 -5.85 -13.66
N PRO A 323 2.46 -6.19 -14.39
CA PRO A 323 2.33 -6.72 -15.72
C PRO A 323 2.04 -8.21 -15.73
N TYR A 324 2.19 -8.90 -14.59
CA TYR A 324 2.19 -10.38 -14.61
C TYR A 324 0.87 -10.90 -14.05
N THR A 325 0.65 -12.19 -14.21
CA THR A 325 -0.51 -12.89 -13.68
C THR A 325 -0.39 -13.14 -12.17
N PHE A 326 -1.53 -13.11 -11.49
CA PHE A 326 -1.64 -13.58 -10.12
C PHE A 326 -2.55 -14.80 -10.11
N PRO A 327 -1.98 -16.03 -10.14
CA PRO A 327 -2.78 -17.25 -10.02
C PRO A 327 -3.74 -17.11 -8.83
N GLY A 328 -5.04 -17.07 -9.14
CA GLY A 328 -6.11 -16.98 -8.18
C GLY A 328 -6.75 -15.61 -8.12
N GLY A 329 -6.13 -14.62 -8.79
CA GLY A 329 -6.63 -13.21 -8.77
C GLY A 329 -5.80 -12.28 -7.86
N SER A 330 -5.43 -11.13 -8.42
CA SER A 330 -4.52 -10.21 -7.77
C SER A 330 -5.15 -9.63 -6.49
N GLY A 331 -6.43 -9.29 -6.53
CA GLY A 331 -7.16 -8.90 -5.31
C GLY A 331 -7.16 -10.00 -4.26
N THR A 332 -7.56 -11.21 -4.65
CA THR A 332 -7.60 -12.34 -3.72
C THR A 332 -6.21 -12.52 -3.09
N VAL A 333 -5.18 -12.58 -3.94
CA VAL A 333 -3.86 -12.96 -3.43
C VAL A 333 -3.37 -11.91 -2.43
N PHE A 334 -3.51 -10.63 -2.78
CA PHE A 334 -2.99 -9.58 -1.97
C PHE A 334 -3.69 -9.59 -0.60
N ALA A 335 -5.02 -9.76 -0.63
CA ALA A 335 -5.81 -9.84 0.58
C ALA A 335 -5.37 -11.03 1.43
N ARG A 336 -5.14 -12.18 0.80
CA ARG A 336 -4.79 -13.37 1.56
C ARG A 336 -3.44 -13.11 2.25
N ASN A 337 -2.49 -12.52 1.52
CA ASN A 337 -1.13 -12.31 2.10
C ASN A 337 -1.26 -11.39 3.31
N THR A 338 -2.01 -10.30 3.15
CA THR A 338 -2.24 -9.27 4.17
C THR A 338 -2.94 -9.85 5.41
N ARG A 339 -3.97 -10.67 5.22
CA ARG A 339 -4.65 -11.44 6.32
C ARG A 339 -3.63 -12.25 7.13
N ARG A 340 -2.77 -12.99 6.42
CA ARG A 340 -1.73 -13.75 7.09
C ARG A 340 -0.85 -12.86 7.98
N ALA A 341 -0.49 -11.66 7.51
CA ALA A 341 0.28 -10.75 8.33
C ALA A 341 -0.59 -10.19 9.47
N ALA A 342 -1.80 -9.75 9.15
CA ALA A 342 -2.64 -9.07 10.16
C ALA A 342 -2.99 -10.04 11.30
N GLU A 343 -3.38 -11.26 10.94
CA GLU A 343 -3.84 -12.25 11.90
C GLU A 343 -2.71 -12.66 12.84
N VAL A 344 -1.45 -12.58 12.38
CA VAL A 344 -0.36 -13.07 13.17
C VAL A 344 0.11 -11.93 14.07
N TRP A 345 0.17 -10.69 13.52
CA TRP A 345 0.95 -9.59 14.19
C TRP A 345 0.11 -8.57 14.94
N MET A 346 -1.13 -8.36 14.51
CA MET A 346 -1.83 -7.10 14.80
C MET A 346 -2.74 -7.19 16.02
N ASP A 347 -2.90 -8.39 16.62
CA ASP A 347 -3.76 -8.58 17.83
C ASP A 347 -5.13 -7.99 17.47
N GLU A 348 -5.78 -7.30 18.43
CA GLU A 348 -7.12 -6.72 18.26
C GLU A 348 -7.16 -5.68 17.12
N TYR A 349 -6.01 -5.08 16.82
CA TYR A 349 -5.92 -3.99 15.79
C TYR A 349 -6.23 -4.53 14.40
N LYS A 350 -6.19 -5.86 14.19
CA LYS A 350 -6.51 -6.43 12.90
C LYS A 350 -7.95 -6.05 12.51
N ASN A 351 -8.81 -5.81 13.52
CA ASN A 351 -10.24 -5.47 13.26
C ASN A 351 -10.39 -4.17 12.43
N PHE A 352 -9.44 -3.25 12.53
CA PHE A 352 -9.55 -2.01 11.79
C PHE A 352 -9.27 -2.20 10.31
N TYR A 353 -8.44 -3.21 10.01
CA TYR A 353 -8.19 -3.61 8.63
C TYR A 353 -9.46 -4.17 8.00
N TYR A 354 -10.11 -5.13 8.66
CA TYR A 354 -11.37 -5.70 8.14
C TYR A 354 -12.45 -4.63 7.98
N ALA A 355 -12.42 -3.62 8.85
CA ALA A 355 -13.37 -2.54 8.82
C ALA A 355 -13.14 -1.71 7.56
N ALA A 356 -11.86 -1.48 7.23
CA ALA A 356 -11.41 -0.65 6.12
C ALA A 356 -11.56 -1.43 4.81
N VAL A 357 -11.40 -2.76 4.91
CA VAL A 357 -11.50 -3.69 3.74
C VAL A 357 -12.43 -4.86 4.06
N PRO A 358 -13.76 -4.63 4.08
CA PRO A 358 -14.71 -5.68 4.47
C PRO A 358 -14.57 -6.94 3.61
N SER A 359 -14.29 -6.72 2.31
CA SER A 359 -14.16 -7.77 1.31
C SER A 359 -13.07 -8.78 1.68
N ALA A 360 -12.12 -8.38 2.52
CA ALA A 360 -10.98 -9.25 2.90
C ALA A 360 -11.47 -10.38 3.82
N ARG A 361 -12.54 -10.08 4.57
CA ARG A 361 -13.23 -11.07 5.44
C ARG A 361 -13.63 -12.33 4.62
N ASN A 362 -13.86 -12.19 3.31
CA ASN A 362 -14.33 -13.30 2.43
C ASN A 362 -13.18 -14.19 1.89
N VAL A 363 -11.93 -13.97 2.33
CA VAL A 363 -10.73 -14.58 1.69
C VAL A 363 -10.04 -15.57 2.63
N PRO A 364 -10.12 -16.89 2.39
CA PRO A 364 -9.45 -17.84 3.28
C PRO A 364 -7.92 -17.65 3.23
N TYR A 365 -7.24 -17.86 4.37
CA TYR A 365 -5.82 -17.48 4.46
C TYR A 365 -4.93 -18.65 4.88
N GLY A 366 -5.49 -19.83 5.18
CA GLY A 366 -4.67 -20.99 5.39
C GLY A 366 -4.18 -21.07 6.82
N ASN A 367 -3.28 -22.01 7.07
CA ASN A 367 -2.77 -22.25 8.41
C ASN A 367 -1.64 -21.27 8.76
N ILE A 368 -1.80 -20.57 9.87
CA ILE A 368 -0.78 -19.60 10.41
C ILE A 368 -0.08 -20.12 11.68
N GLN A 369 -0.25 -21.40 12.04
CA GLN A 369 0.38 -21.88 13.31
C GLN A 369 1.90 -21.66 13.37
N SER A 370 2.62 -21.98 12.29
CA SER A 370 4.09 -21.85 12.28
C SER A 370 4.46 -20.41 12.70
N ARG A 371 3.70 -19.43 12.17
CA ARG A 371 4.01 -17.99 12.32
C ARG A 371 3.66 -17.53 13.74
N LEU A 372 2.48 -17.96 14.22
CA LEU A 372 2.04 -17.68 15.63
C LEU A 372 3.01 -18.26 16.64
N GLU A 373 3.49 -19.48 16.39
CA GLU A 373 4.50 -20.11 17.25
C GLU A 373 5.86 -19.37 17.17
N LEU A 374 6.20 -18.89 15.97
CA LEU A 374 7.44 -18.11 15.78
C LEU A 374 7.37 -16.84 16.64
N ARG A 375 6.23 -16.16 16.55
CA ARG A 375 6.00 -14.95 17.37
C ARG A 375 6.19 -15.26 18.88
N LYS A 376 5.65 -16.39 19.30
CA LYS A 376 5.68 -16.82 20.71
C LYS A 376 7.12 -17.12 21.11
N LYS A 377 7.84 -17.90 20.30
CA LYS A 377 9.19 -18.38 20.58
C LYS A 377 10.13 -17.18 20.73
N LEU A 378 9.93 -16.14 19.91
CA LEU A 378 10.81 -15.03 19.94
C LEU A 378 10.41 -14.01 21.00
N SER A 379 9.35 -14.29 21.79
CA SER A 379 8.77 -13.35 22.80
C SER A 379 8.51 -11.95 22.20
N CYS A 380 7.89 -11.90 21.01
CA CYS A 380 7.66 -10.61 20.34
C CYS A 380 6.71 -9.77 21.17
N LYS A 381 6.85 -8.43 21.07
CA LYS A 381 6.02 -7.46 21.75
C LYS A 381 4.66 -7.36 21.07
N PRO A 382 3.61 -6.91 21.80
CA PRO A 382 2.27 -6.72 21.24
C PRO A 382 2.22 -5.57 20.21
N PHE A 383 1.23 -5.64 19.33
CA PHE A 383 1.03 -4.62 18.35
C PHE A 383 0.82 -3.26 19.02
N LYS A 384 0.09 -3.23 20.15
CA LYS A 384 -0.07 -1.95 20.89
C LYS A 384 1.28 -1.27 21.14
N TRP A 385 2.29 -2.06 21.49
CA TRP A 385 3.65 -1.61 21.71
C TRP A 385 4.21 -0.95 20.45
N TYR A 386 3.98 -1.58 19.29
CA TYR A 386 4.47 -1.07 18.00
C TYR A 386 3.83 0.29 17.69
N LEU A 387 2.52 0.40 17.92
CA LEU A 387 1.77 1.62 17.56
C LEU A 387 2.27 2.78 18.40
N GLU A 388 2.51 2.53 19.68
CA GLU A 388 2.82 3.55 20.64
C GLU A 388 4.27 3.99 20.48
N ASN A 389 5.17 3.07 20.09
CA ASN A 389 6.59 3.33 20.13
C ASN A 389 7.22 3.47 18.73
N VAL A 390 6.65 2.80 17.73
CA VAL A 390 7.19 2.77 16.41
C VAL A 390 6.37 3.67 15.48
N TYR A 391 5.02 3.66 15.60
CA TYR A 391 4.14 4.38 14.65
C TYR A 391 3.07 5.19 15.38
N PRO A 392 3.47 6.08 16.32
CA PRO A 392 2.53 6.87 17.11
C PRO A 392 1.70 7.80 16.24
N GLU A 393 2.14 8.08 15.00
CA GLU A 393 1.38 8.92 14.06
C GLU A 393 0.13 8.23 13.52
N LEU A 394 0.06 6.89 13.54
CA LEU A 394 -1.12 6.23 13.03
C LEU A 394 -2.25 6.38 14.04
N ARG A 395 -3.34 7.05 13.65
CA ARG A 395 -4.46 7.34 14.56
C ARG A 395 -5.49 6.22 14.36
N VAL A 396 -5.99 5.71 15.49
CA VAL A 396 -7.08 4.77 15.56
C VAL A 396 -8.27 5.31 14.76
N PRO A 397 -8.99 4.51 13.94
CA PRO A 397 -10.13 5.02 13.17
C PRO A 397 -11.33 5.47 14.02
N ASP A 398 -12.16 6.34 13.45
CA ASP A 398 -13.26 7.00 14.16
C ASP A 398 -14.60 6.38 13.74
N HIS A 399 -15.27 5.79 14.74
CA HIS A 399 -16.38 4.82 14.61
C HIS A 399 -17.74 5.49 14.81
N GLN A 400 -18.66 5.28 13.87
CA GLN A 400 -20.07 5.68 13.99
C GLN A 400 -20.94 4.58 13.39
N ASP A 401 -21.45 3.65 14.23
CA ASP A 401 -22.31 2.54 13.73
C ASP A 401 -23.54 3.16 13.00
N ILE A 402 -23.90 4.45 13.27
CA ILE A 402 -25.14 5.13 12.69
C ILE A 402 -24.85 6.50 12.03
N ALA A 403 -25.51 6.73 10.90
CA ALA A 403 -25.39 7.99 10.13
C ALA A 403 -26.22 9.12 10.78
N PHE A 404 -25.53 10.16 11.26
CA PHE A 404 -26.14 11.45 11.67
C PHE A 404 -25.67 12.59 10.77
N GLY A 405 -26.61 13.46 10.36
CA GLY A 405 -26.25 14.50 9.47
C GLY A 405 -27.45 15.15 8.82
N ALA A 406 -27.24 15.65 7.59
CA ALA A 406 -28.26 16.40 6.88
C ALA A 406 -28.81 15.57 5.72
N LEU A 407 -30.11 15.73 5.46
CA LEU A 407 -30.65 15.21 4.25
C LEU A 407 -30.84 16.36 3.25
N GLN A 408 -29.97 16.38 2.24
CA GLN A 408 -29.73 17.52 1.42
C GLN A 408 -30.40 17.33 0.05
N GLN A 409 -30.91 18.44 -0.48
CA GLN A 409 -31.47 18.53 -1.78
C GLN A 409 -30.98 19.84 -2.36
N GLY A 410 -29.94 19.76 -3.20
CA GLY A 410 -29.25 20.96 -3.69
C GLY A 410 -28.62 21.70 -2.53
N THR A 411 -29.01 22.97 -2.34
CA THR A 411 -28.54 23.78 -1.22
C THR A 411 -29.60 23.84 -0.09
N ASN A 412 -30.68 23.06 -0.22
CA ASN A 412 -31.69 22.91 0.84
C ASN A 412 -31.46 21.64 1.67
N CYS A 413 -31.86 21.72 2.94
CA CYS A 413 -31.77 20.63 3.86
C CYS A 413 -33.17 20.32 4.41
N LEU A 414 -33.48 19.03 4.58
CA LEU A 414 -34.67 18.60 5.37
C LEU A 414 -34.65 19.31 6.72
N ASP A 415 -35.78 19.93 7.07
CA ASP A 415 -35.83 20.82 8.22
C ASP A 415 -37.10 20.51 8.99
N THR A 416 -37.00 20.39 10.33
CA THR A 416 -38.17 20.16 11.18
C THR A 416 -39.07 21.40 11.22
N LEU A 417 -38.55 22.54 10.79
CA LEU A 417 -39.28 23.86 10.83
C LEU A 417 -39.54 24.28 12.28
N GLY A 418 -38.85 23.62 13.22
CA GLY A 418 -39.09 23.86 14.65
C GLY A 418 -40.32 23.15 15.18
N HIS A 419 -40.91 22.22 14.42
CA HIS A 419 -42.15 21.55 14.85
C HIS A 419 -41.88 20.33 15.74
N PHE A 420 -42.91 19.91 16.47
CA PHE A 420 -42.92 18.75 17.35
C PHE A 420 -43.94 17.76 16.78
N ALA A 421 -44.38 16.78 17.57
CA ALA A 421 -45.35 15.78 17.11
C ALA A 421 -46.56 16.46 16.48
N ASP A 422 -47.01 15.90 15.35
CA ASP A 422 -48.21 16.33 14.57
C ASP A 422 -47.95 17.55 13.68
N GLY A 423 -46.72 18.06 13.66
CA GLY A 423 -46.37 19.15 12.78
C GLY A 423 -45.78 18.62 11.46
N VAL A 424 -45.79 19.48 10.44
CA VAL A 424 -45.24 19.14 9.13
C VAL A 424 -43.72 19.36 9.18
N VAL A 425 -43.03 18.89 8.14
CA VAL A 425 -41.63 19.20 7.93
C VAL A 425 -41.45 19.85 6.54
N GLY A 426 -40.26 20.41 6.29
CA GLY A 426 -39.98 21.19 5.10
C GLY A 426 -38.52 21.15 4.71
N VAL A 427 -38.14 22.13 3.89
CA VAL A 427 -36.75 22.29 3.51
C VAL A 427 -36.37 23.75 3.70
N TYR A 428 -35.11 23.95 4.06
CA TYR A 428 -34.59 25.27 4.27
C TYR A 428 -33.12 25.24 3.85
N GLU A 429 -32.65 26.41 3.44
CA GLU A 429 -31.24 26.63 3.18
C GLU A 429 -30.40 25.90 4.26
N CYS A 430 -29.49 25.01 3.84
CA CYS A 430 -28.56 24.33 4.71
C CYS A 430 -27.66 25.31 5.44
N HIS A 431 -27.56 25.18 6.76
CA HIS A 431 -26.76 26.13 7.56
C HIS A 431 -25.61 25.40 8.26
N ASN A 432 -25.53 24.09 8.08
CA ASN A 432 -24.46 23.28 8.59
C ASN A 432 -24.27 23.50 10.12
N ALA A 433 -25.38 23.74 10.84
CA ALA A 433 -25.37 23.94 12.30
C ALA A 433 -26.22 22.87 13.03
N GLY A 434 -26.46 21.73 12.39
CA GLY A 434 -27.34 20.65 12.93
C GLY A 434 -28.72 21.17 13.31
N GLY A 435 -29.09 20.98 14.57
CA GLY A 435 -30.39 21.51 15.04
C GLY A 435 -31.56 20.92 14.28
N ASN A 436 -32.44 21.79 13.75
CA ASN A 436 -33.63 21.44 12.98
C ASN A 436 -33.23 20.68 11.69
N GLN A 437 -31.93 20.66 11.34
CA GLN A 437 -31.45 20.06 10.09
C GLN A 437 -30.62 18.80 10.32
N GLU A 438 -30.60 18.31 11.58
CA GLU A 438 -29.89 17.04 11.95
C GLU A 438 -30.86 15.87 12.07
N TRP A 439 -30.55 14.80 11.30
CA TRP A 439 -31.36 13.61 11.18
C TRP A 439 -30.46 12.37 11.33
N ALA A 440 -31.09 11.24 11.59
CA ALA A 440 -30.40 9.99 11.55
C ALA A 440 -31.25 8.99 10.77
N LEU A 441 -30.57 8.17 9.98
CA LEU A 441 -31.15 7.00 9.31
C LEU A 441 -30.93 5.79 10.22
N THR A 442 -31.97 5.35 10.94
CA THR A 442 -31.86 4.35 11.98
C THR A 442 -31.84 2.94 11.36
N LYS A 443 -31.27 1.98 12.11
CA LYS A 443 -31.36 0.56 11.73
C LYS A 443 -32.82 0.11 11.72
N GLU A 444 -33.69 0.84 12.41
CA GLU A 444 -35.11 0.59 12.45
C GLU A 444 -35.81 1.03 11.14
N LYS A 445 -35.05 1.63 10.23
CA LYS A 445 -35.52 2.12 8.93
C LYS A 445 -36.42 3.35 9.14
N SER A 446 -36.16 4.17 10.16
CA SER A 446 -36.85 5.40 10.35
C SER A 446 -35.94 6.57 9.92
N VAL A 447 -36.58 7.73 9.75
CA VAL A 447 -35.88 8.97 9.56
C VAL A 447 -36.16 9.84 10.81
N LYS A 448 -35.13 9.97 11.67
CA LYS A 448 -35.32 10.38 13.07
C LYS A 448 -34.64 11.72 13.36
N HIS A 449 -35.36 12.64 14.02
CA HIS A 449 -34.82 13.77 14.70
C HIS A 449 -35.19 13.71 16.17
N MET A 450 -34.17 13.56 17.02
CA MET A 450 -34.30 13.30 18.44
C MET A 450 -35.24 12.11 18.65
N ASP A 451 -36.44 12.31 19.21
CA ASP A 451 -37.33 11.20 19.45
C ASP A 451 -38.58 11.29 18.55
N LEU A 452 -38.48 12.03 17.44
CA LEU A 452 -39.53 12.15 16.46
C LEU A 452 -39.09 11.52 15.14
N CYS A 453 -40.06 10.96 14.41
CA CYS A 453 -39.79 10.24 13.16
C CYS A 453 -40.74 10.72 12.07
N LEU A 454 -40.26 10.78 10.81
CA LEU A 454 -41.09 11.12 9.64
C LEU A 454 -42.18 10.05 9.47
N THR A 455 -43.44 10.45 9.51
CA THR A 455 -44.55 9.51 9.61
C THR A 455 -45.53 9.72 8.44
N VAL A 456 -45.83 8.62 7.72
CA VAL A 456 -46.77 8.64 6.60
C VAL A 456 -48.16 8.39 7.20
N VAL A 457 -48.79 9.46 7.64
CA VAL A 457 -50.08 9.42 8.27
C VAL A 457 -51.21 9.12 7.26
N ASP A 458 -50.99 9.49 5.99
CA ASP A 458 -51.90 9.18 4.89
C ASP A 458 -51.07 8.73 3.68
N ARG A 459 -51.31 7.50 3.18
CA ARG A 459 -50.61 6.96 2.00
C ARG A 459 -51.17 7.55 0.70
N ALA A 460 -52.36 8.18 0.73
CA ALA A 460 -52.88 8.85 -0.50
C ALA A 460 -51.78 9.71 -1.12
N PRO A 461 -51.38 9.46 -2.39
CA PRO A 461 -50.36 10.27 -3.04
C PRO A 461 -50.62 11.76 -2.84
N GLY A 462 -49.58 12.57 -2.59
CA GLY A 462 -49.79 14.03 -2.37
C GLY A 462 -49.99 14.43 -0.91
N SER A 463 -50.15 13.47 0.01
CA SER A 463 -50.41 13.76 1.43
C SER A 463 -49.17 14.33 2.13
N LEU A 464 -49.40 15.25 3.07
CA LEU A 464 -48.34 15.77 3.90
C LEU A 464 -47.93 14.67 4.87
N ILE A 465 -46.63 14.56 5.09
CA ILE A 465 -46.16 13.72 6.18
C ILE A 465 -46.10 14.55 7.47
N LYS A 466 -45.96 13.86 8.61
CA LYS A 466 -45.87 14.54 9.86
C LYS A 466 -44.79 13.90 10.72
N LEU A 467 -44.26 14.68 11.68
CA LEU A 467 -43.47 14.15 12.78
C LEU A 467 -44.43 13.47 13.77
N GLN A 468 -44.04 12.30 14.26
CA GLN A 468 -44.70 11.71 15.42
C GLN A 468 -43.60 10.98 16.20
N GLY A 469 -43.87 10.65 17.47
CA GLY A 469 -42.93 9.89 18.24
C GLY A 469 -42.52 8.62 17.53
N CYS A 470 -41.22 8.31 17.57
CA CYS A 470 -40.69 7.10 16.91
C CYS A 470 -41.20 5.88 17.67
N ARG A 471 -41.76 4.90 16.95
CA ARG A 471 -42.08 3.62 17.54
C ARG A 471 -41.58 2.52 16.60
N GLU A 472 -40.92 1.50 17.15
CA GLU A 472 -40.40 0.38 16.40
C GLU A 472 -41.50 -0.23 15.52
N ASN A 473 -42.71 -0.31 16.10
CA ASN A 473 -43.86 -1.08 15.57
C ASN A 473 -44.84 -0.20 14.75
N ASP A 474 -44.39 0.96 14.22
CA ASP A 474 -45.24 1.85 13.38
C ASP A 474 -44.79 1.76 11.93
N SER A 475 -45.51 0.98 11.13
CA SER A 475 -45.15 0.72 9.74
C SER A 475 -45.20 2.02 8.94
N ARG A 476 -45.86 3.05 9.48
CA ARG A 476 -46.01 4.35 8.77
C ARG A 476 -44.68 5.12 8.80
N GLN A 477 -43.70 4.66 9.59
CA GLN A 477 -42.45 5.39 9.89
C GLN A 477 -41.23 4.75 9.20
N LYS A 478 -41.47 3.79 8.32
CA LYS A 478 -40.42 3.02 7.69
C LYS A 478 -40.16 3.58 6.29
N TRP A 479 -38.87 3.84 6.03
CA TRP A 479 -38.34 4.37 4.82
C TRP A 479 -37.12 3.57 4.39
N GLU A 480 -36.83 3.55 3.08
CA GLU A 480 -35.61 2.88 2.59
C GLU A 480 -34.91 3.75 1.53
N GLN A 481 -33.59 3.78 1.59
CA GLN A 481 -32.82 4.51 0.57
C GLN A 481 -32.83 3.70 -0.73
N ILE A 482 -33.15 4.37 -1.85
CA ILE A 482 -33.17 3.70 -3.14
C ILE A 482 -32.37 4.52 -4.15
N GLU A 483 -32.11 3.86 -5.29
CA GLU A 483 -31.43 4.44 -6.44
C GLU A 483 -30.04 4.97 -6.08
N GLY A 484 -29.22 4.10 -5.53
CA GLY A 484 -27.88 4.57 -5.19
C GLY A 484 -27.92 5.64 -4.11
N ASN A 485 -28.80 5.44 -3.12
CA ASN A 485 -28.93 6.29 -1.92
C ASN A 485 -29.19 7.74 -2.37
N SER A 486 -30.14 7.91 -3.28
CA SER A 486 -30.46 9.24 -3.83
C SER A 486 -31.93 9.62 -3.60
N LYS A 487 -32.75 8.69 -3.10
CA LYS A 487 -34.17 8.93 -2.81
C LYS A 487 -34.57 8.15 -1.56
N LEU A 488 -35.70 8.53 -0.96
CA LEU A 488 -36.26 7.85 0.22
C LEU A 488 -37.68 7.38 -0.12
N ARG A 489 -37.83 6.05 -0.19
CA ARG A 489 -39.10 5.42 -0.46
C ARG A 489 -39.71 4.92 0.85
N HIS A 490 -41.03 5.04 0.95
CA HIS A 490 -41.76 4.50 2.09
C HIS A 490 -41.93 2.98 1.88
N VAL A 491 -41.39 2.19 2.80
CA VAL A 491 -41.39 0.75 2.69
C VAL A 491 -42.81 0.23 2.49
N GLY A 492 -42.92 -0.66 1.49
CA GLY A 492 -44.17 -1.33 1.13
C GLY A 492 -45.07 -0.48 0.24
N SER A 493 -44.55 0.64 -0.27
CA SER A 493 -45.28 1.46 -1.19
C SER A 493 -44.41 1.81 -2.39
N ASN A 494 -45.00 2.49 -3.36
CA ASN A 494 -44.26 3.15 -4.39
C ASN A 494 -44.31 4.67 -4.18
N LEU A 495 -44.20 5.10 -2.92
CA LEU A 495 -44.26 6.53 -2.53
C LEU A 495 -42.85 6.95 -2.08
N CYS A 496 -42.45 8.16 -2.51
CA CYS A 496 -41.15 8.78 -2.23
C CYS A 496 -41.33 10.12 -1.51
N LEU A 497 -40.43 10.39 -0.58
CA LEU A 497 -40.39 11.74 0.04
C LEU A 497 -40.19 12.81 -1.05
N ASP A 498 -41.05 13.84 -1.01
CA ASP A 498 -41.17 14.80 -2.08
C ASP A 498 -41.35 16.19 -1.50
N SER A 499 -40.51 17.14 -1.98
CA SER A 499 -40.44 18.53 -1.53
C SER A 499 -41.26 19.46 -2.42
N ARG A 500 -42.02 18.93 -3.39
CA ARG A 500 -42.68 19.85 -4.35
C ARG A 500 -43.77 20.67 -3.63
N THR A 501 -44.32 20.14 -2.52
CA THR A 501 -45.44 20.73 -1.71
C THR A 501 -44.90 21.61 -0.56
N ALA A 502 -43.60 21.82 -0.52
CA ALA A 502 -43.01 22.56 0.60
C ALA A 502 -43.63 23.97 0.74
N LYS A 503 -43.91 24.66 -0.38
CA LYS A 503 -44.40 26.04 -0.34
C LYS A 503 -45.92 26.06 -0.12
N SER A 504 -46.56 24.89 -0.13
CA SER A 504 -47.97 24.80 0.04
C SER A 504 -48.30 23.76 1.11
N GLY A 505 -47.50 23.69 2.19
CA GLY A 505 -47.92 22.96 3.37
C GLY A 505 -46.84 22.08 3.98
N GLY A 506 -45.89 21.61 3.16
CA GLY A 506 -44.75 20.78 3.68
C GLY A 506 -44.42 19.60 2.77
N LEU A 507 -43.50 18.71 3.24
CA LEU A 507 -43.09 17.60 2.42
C LEU A 507 -44.27 16.64 2.33
N SER A 508 -44.37 15.92 1.21
CA SER A 508 -45.42 14.98 0.98
C SER A 508 -44.80 13.62 0.64
N VAL A 509 -45.67 12.60 0.62
CA VAL A 509 -45.42 11.38 -0.13
C VAL A 509 -46.01 11.57 -1.55
N GLU A 510 -45.28 11.11 -2.55
CA GLU A 510 -45.72 11.25 -3.90
C GLU A 510 -45.23 10.00 -4.65
N VAL A 511 -45.90 9.65 -5.75
CA VAL A 511 -45.52 8.47 -6.50
C VAL A 511 -44.05 8.63 -6.93
N CYS A 512 -43.25 7.61 -6.69
CA CYS A 512 -41.82 7.70 -7.07
C CYS A 512 -41.72 7.93 -8.59
N GLY A 513 -41.00 8.96 -8.99
CA GLY A 513 -40.76 9.25 -10.38
C GLY A 513 -39.57 10.18 -10.52
N PRO A 514 -39.23 10.59 -11.76
CA PRO A 514 -38.06 11.42 -11.98
C PRO A 514 -38.46 12.89 -11.71
N ALA A 515 -38.07 13.37 -10.55
CA ALA A 515 -38.37 14.68 -10.06
C ALA A 515 -37.21 15.07 -9.17
N LEU A 516 -36.63 16.26 -9.42
CA LEU A 516 -35.57 16.80 -8.56
C LEU A 516 -36.03 16.82 -7.10
N SER A 517 -37.34 17.00 -6.90
CA SER A 517 -37.96 17.18 -5.58
C SER A 517 -37.96 15.88 -4.78
N GLN A 518 -37.61 14.74 -5.41
CA GLN A 518 -37.54 13.45 -4.72
C GLN A 518 -36.08 13.03 -4.51
N GLN A 519 -35.12 13.90 -4.85
CA GLN A 519 -33.71 13.60 -4.69
C GLN A 519 -33.25 14.11 -3.31
N TRP A 520 -32.58 13.23 -2.57
CA TRP A 520 -32.06 13.55 -1.24
C TRP A 520 -30.74 12.82 -1.02
N LYS A 521 -29.71 13.55 -0.58
CA LYS A 521 -28.38 13.01 -0.26
C LYS A 521 -28.15 13.17 1.25
N PHE A 522 -27.91 12.05 1.91
CA PHE A 522 -27.47 12.09 3.28
C PHE A 522 -26.01 12.55 3.36
N THR A 523 -25.80 13.69 4.01
CA THR A 523 -24.50 14.26 4.13
C THR A 523 -24.08 14.20 5.60
N LEU A 524 -23.05 13.38 5.88
CA LEU A 524 -22.53 13.11 7.23
C LEU A 524 -22.02 14.40 7.88
N ASN A 525 -22.24 14.48 9.20
CA ASN A 525 -22.23 15.70 10.02
C ASN A 525 -20.85 16.38 9.93
N SER B 5 -2.60 -1.11 -5.57
CA SER B 5 -2.25 -2.21 -6.46
C SER B 5 -0.75 -2.50 -6.45
N THR B 6 0.10 -1.47 -6.27
CA THR B 6 1.58 -1.57 -6.51
C THR B 6 2.32 -0.68 -5.50
N THR B 7 3.61 -0.90 -5.23
CA THR B 7 4.32 0.01 -4.30
C THR B 7 4.28 1.43 -4.86
N PRO B 8 3.79 2.44 -4.13
CA PRO B 8 3.75 3.80 -4.66
C PRO B 8 5.11 4.50 -4.69
N ALA B 9 5.28 5.42 -5.64
CA ALA B 9 6.48 6.27 -5.74
C ALA B 9 6.51 7.29 -4.61
N PRO B 10 7.69 7.60 -4.03
CA PRO B 10 7.80 8.70 -3.09
C PRO B 10 7.74 10.01 -3.84
N THR B 11 7.37 11.07 -3.13
CA THR B 11 7.50 12.40 -3.63
C THR B 11 8.97 12.67 -3.93
N THR B 12 9.23 13.35 -5.05
CA THR B 12 10.61 13.66 -5.49
C THR B 12 11.11 14.90 -4.73
N LYS B 13 12.42 15.15 -4.80
CA LYS B 13 13.15 16.18 -3.97
C LYS B 13 12.52 17.57 -4.07
#